data_4PKR
#
_entry.id   4PKR
#
_cell.length_a   52.200
_cell.length_b   78.000
_cell.length_c   134.700
_cell.angle_alpha   90.000
_cell.angle_beta   90.000
_cell.angle_gamma   90.000
#
_symmetry.space_group_name_H-M   'P 21 21 21'
#
loop_
_entity.id
_entity.type
_entity.pdbx_description
1 polymer 'Lethal factor'
2 non-polymer N~2~-benzyl-N~2~-[(4-fluoro-3-methylphenyl)sulfonyl]-N-hydroxy-D-alaninamide
3 non-polymer 'ZINC ION'
4 non-polymer 'CHLORIDE ION'
5 non-polymer GLYCEROL
6 water water
#
_entity_poly.entity_id   1
_entity_poly.type   'polypeptide(L)'
_entity_poly.pdbx_seq_one_letter_code
;SNALSRYEKWEKIKQHYQHWSDSLSEEGRGLLKKLQIPIEPKKDDIIHSLSQEEKELLKRIQIDSSDFLSTEEKEFLKKL
QIDIRDSLSEEEKELLNRIQVDSSNPLSEKEKEFLKKLKLDIQPYDINQRLQDTGGLIDSPSINLDVRKQYKRDIQNIDA
LLHQSIGSTLYNKIYLYENMNINNLTATLGADLVDSTDNTKINRGIFNEFKKNFKYSISSNYMIVDINERPALDNERLKW
RIQLSPDTRAGYLENGKLILQRNIGLEIKDVQIIKQSEKEYIRIDAKVVPKSKIDTKIQEAQLNINQEWNKALGLPKYTK
LITFNVHNRYASNIVESAYLILNEWKNNIQSDLIKKVTNYLVDGNGRFVFTDITLPNIAEQYTHQDEIYEQVHSKGLYVP
ESRSILLHGPSKGVELRNDSEGFIHEFGHAVDDYAGYLLDKNQSDLVTNSKKFIDIFKEEGSNLTSYGRTNEAEFFAEAF
RLMHSTDHAERLKVQKNAPKTFQFINDQIKFIINSLVPR
;
_entity_poly.pdbx_strand_id   A
#
# COMPACT_ATOMS: atom_id res chain seq x y z
N ARG A 6 4.26 -1.11 -36.63
CA ARG A 6 3.57 -1.53 -35.41
C ARG A 6 3.64 -3.06 -35.25
N TYR A 7 3.60 -3.78 -36.37
CA TYR A 7 3.54 -5.24 -36.33
C TYR A 7 4.82 -5.91 -36.86
N GLU A 8 5.79 -5.10 -37.28
CA GLU A 8 6.93 -5.62 -38.02
C GLU A 8 7.94 -6.41 -37.18
N LYS A 9 7.75 -6.45 -35.87
CA LYS A 9 8.72 -7.07 -34.98
C LYS A 9 8.18 -8.29 -34.22
N TRP A 10 6.87 -8.53 -34.35
CA TRP A 10 6.24 -9.68 -33.69
C TRP A 10 6.89 -10.98 -34.11
N GLU A 11 7.13 -11.10 -35.41
CA GLU A 11 7.57 -12.36 -36.00
C GLU A 11 8.91 -12.87 -35.45
N LYS A 12 9.87 -11.97 -35.26
CA LYS A 12 11.19 -12.43 -34.84
C LYS A 12 11.25 -12.71 -33.33
N ILE A 13 10.37 -12.08 -32.56
CA ILE A 13 10.23 -12.44 -31.16
C ILE A 13 9.56 -13.80 -31.06
N LYS A 14 8.54 -13.99 -31.89
CA LYS A 14 7.82 -15.26 -31.96
C LYS A 14 8.75 -16.42 -32.34
N GLN A 15 9.59 -16.19 -33.33
CA GLN A 15 10.52 -17.23 -33.79
C GLN A 15 11.60 -17.51 -32.75
N HIS A 16 12.02 -16.46 -32.04
CA HIS A 16 13.02 -16.61 -30.99
C HIS A 16 12.50 -17.55 -29.90
N TYR A 17 11.21 -17.46 -29.60
CA TYR A 17 10.59 -18.28 -28.57
C TYR A 17 9.79 -19.44 -29.16
N GLN A 18 10.07 -19.77 -30.42
CA GLN A 18 9.32 -20.81 -31.12
C GLN A 18 9.39 -22.15 -30.41
N HIS A 19 10.60 -22.61 -30.11
CA HIS A 19 10.76 -23.89 -29.44
C HIS A 19 10.14 -23.85 -28.05
N TRP A 20 10.32 -22.74 -27.35
CA TRP A 20 9.77 -22.56 -26.02
C TRP A 20 8.26 -22.67 -26.03
N SER A 21 7.63 -22.03 -27.02
CA SER A 21 6.18 -22.07 -27.15
C SER A 21 5.69 -23.47 -27.50
N ASP A 22 6.47 -24.18 -28.32
CA ASP A 22 6.11 -25.53 -28.75
C ASP A 22 6.25 -26.56 -27.64
N SER A 23 7.19 -26.33 -26.73
CA SER A 23 7.48 -27.29 -25.68
C SER A 23 6.65 -27.03 -24.43
N LEU A 24 5.80 -26.01 -24.49
CA LEU A 24 4.94 -25.68 -23.36
C LEU A 24 3.95 -26.79 -23.05
N SER A 25 3.97 -27.28 -21.81
CA SER A 25 3.01 -28.27 -21.37
C SER A 25 1.61 -27.67 -21.33
N GLU A 26 0.59 -28.52 -21.33
CA GLU A 26 -0.79 -28.05 -21.21
C GLU A 26 -1.01 -27.43 -19.85
N GLU A 27 -0.25 -27.90 -18.86
CA GLU A 27 -0.30 -27.35 -17.52
C GLU A 27 0.40 -26.01 -17.47
N GLY A 28 1.49 -25.90 -18.21
CA GLY A 28 2.22 -24.64 -18.32
C GLY A 28 1.34 -23.56 -18.95
N ARG A 29 0.63 -23.93 -20.00
CA ARG A 29 -0.26 -23.01 -20.70
C ARG A 29 -1.41 -22.57 -19.80
N GLY A 30 -1.97 -23.51 -19.05
CA GLY A 30 -3.04 -23.21 -18.13
C GLY A 30 -2.58 -22.24 -17.06
N LEU A 31 -1.33 -22.40 -16.67
CA LEU A 31 -0.73 -21.55 -15.64
C LEU A 31 -0.57 -20.12 -16.12
N LEU A 32 -0.02 -19.96 -17.31
CA LEU A 32 0.15 -18.64 -17.92
C LEU A 32 -1.20 -17.96 -18.13
N LYS A 33 -2.21 -18.75 -18.48
CA LYS A 33 -3.56 -18.24 -18.66
C LYS A 33 -4.13 -17.75 -17.32
N LYS A 34 -3.85 -18.49 -16.26
CA LYS A 34 -4.30 -18.13 -14.92
C LYS A 34 -3.67 -16.81 -14.49
N LEU A 35 -2.39 -16.65 -14.82
CA LEU A 35 -1.65 -15.44 -14.49
C LEU A 35 -2.28 -14.20 -15.16
N GLN A 36 -2.68 -14.36 -16.41
CA GLN A 36 -3.23 -13.25 -17.19
C GLN A 36 -4.65 -12.91 -16.77
N ILE A 37 -5.46 -13.92 -16.49
CA ILE A 37 -6.84 -13.73 -16.07
C ILE A 37 -7.06 -14.35 -14.70
N PRO A 38 -6.96 -13.55 -13.64
CA PRO A 38 -7.20 -14.03 -12.28
C PRO A 38 -8.62 -14.57 -12.13
N ILE A 39 -8.77 -15.60 -11.30
CA ILE A 39 -10.04 -16.27 -11.12
C ILE A 39 -10.94 -15.54 -10.12
N GLU A 40 -11.99 -14.90 -10.63
CA GLU A 40 -12.95 -14.20 -9.80
C GLU A 40 -13.74 -15.19 -8.94
N PRO A 41 -14.20 -14.75 -7.77
CA PRO A 41 -15.10 -15.60 -6.98
C PRO A 41 -16.49 -15.66 -7.61
N LYS A 42 -17.13 -16.82 -7.55
CA LYS A 42 -18.48 -16.98 -8.10
C LYS A 42 -19.53 -16.72 -7.04
N LYS A 43 -20.50 -15.88 -7.40
CA LYS A 43 -21.55 -15.45 -6.47
C LYS A 43 -22.25 -16.62 -5.79
N ASP A 44 -22.70 -17.58 -6.58
CA ASP A 44 -23.45 -18.72 -6.05
C ASP A 44 -22.60 -19.58 -5.11
N ASP A 45 -21.31 -19.67 -5.38
CA ASP A 45 -20.40 -20.44 -4.54
C ASP A 45 -20.34 -19.84 -3.15
N ILE A 46 -20.23 -18.52 -3.09
CA ILE A 46 -20.14 -17.80 -1.82
C ILE A 46 -21.47 -17.88 -1.07
N ILE A 47 -22.57 -17.75 -1.81
CA ILE A 47 -23.89 -17.77 -1.21
C ILE A 47 -24.22 -19.12 -0.59
N HIS A 48 -23.95 -20.20 -1.33
CA HIS A 48 -24.27 -21.54 -0.87
C HIS A 48 -23.44 -21.94 0.36
N SER A 49 -22.24 -21.38 0.46
CA SER A 49 -21.35 -21.71 1.58
C SER A 49 -21.84 -21.09 2.89
N LEU A 50 -22.69 -20.07 2.78
CA LEU A 50 -23.19 -19.37 3.96
C LEU A 50 -24.34 -20.12 4.63
N SER A 51 -24.36 -20.07 5.96
CA SER A 51 -25.47 -20.63 6.72
C SER A 51 -26.73 -19.79 6.51
N GLN A 52 -27.87 -20.32 6.91
CA GLN A 52 -29.13 -19.61 6.75
C GLN A 52 -29.19 -18.34 7.58
N GLU A 53 -28.52 -18.33 8.73
CA GLU A 53 -28.46 -17.14 9.57
C GLU A 53 -27.51 -16.11 8.97
N GLU A 54 -26.38 -16.57 8.43
CA GLU A 54 -25.43 -15.68 7.79
C GLU A 54 -26.01 -15.07 6.51
N LYS A 55 -26.87 -15.83 5.83
CA LYS A 55 -27.59 -15.30 4.67
C LYS A 55 -28.52 -14.18 5.11
N GLU A 56 -29.31 -14.46 6.15
CA GLU A 56 -30.26 -13.49 6.67
C GLU A 56 -29.56 -12.27 7.22
N LEU A 57 -28.37 -12.46 7.78
CA LEU A 57 -27.59 -11.35 8.30
C LEU A 57 -27.09 -10.45 7.16
N LEU A 58 -26.46 -11.08 6.16
CA LEU A 58 -25.87 -10.35 5.05
C LEU A 58 -26.87 -9.47 4.31
N LYS A 59 -28.10 -9.97 4.19
CA LYS A 59 -29.12 -9.25 3.42
C LYS A 59 -29.73 -8.10 4.20
N ARG A 60 -29.41 -8.00 5.49
CA ARG A 60 -29.89 -6.90 6.32
C ARG A 60 -28.82 -5.82 6.44
N ILE A 61 -27.58 -6.18 6.15
CA ILE A 61 -26.45 -5.29 6.34
C ILE A 61 -26.37 -4.16 5.30
N GLN A 62 -26.17 -2.94 5.78
CA GLN A 62 -25.88 -1.79 4.92
C GLN A 62 -24.42 -1.81 4.48
N ILE A 63 -24.14 -2.51 3.40
CA ILE A 63 -22.76 -2.74 2.95
C ILE A 63 -22.00 -1.44 2.69
N ASP A 64 -22.67 -0.44 2.13
CA ASP A 64 -22.01 0.82 1.78
C ASP A 64 -21.54 1.60 3.00
N SER A 65 -22.03 1.24 4.17
CA SER A 65 -21.66 1.95 5.40
C SER A 65 -20.27 1.55 5.90
N SER A 66 -19.86 0.32 5.62
CA SER A 66 -18.57 -0.19 6.10
C SER A 66 -17.39 0.64 5.60
N ASP A 67 -16.33 0.68 6.40
CA ASP A 67 -15.17 1.51 6.07
C ASP A 67 -13.94 0.70 5.67
N PHE A 68 -13.98 -0.61 5.91
CA PHE A 68 -12.82 -1.45 5.63
C PHE A 68 -12.97 -2.19 4.30
N LEU A 69 -14.16 -2.14 3.71
CA LEU A 69 -14.39 -2.78 2.43
C LEU A 69 -14.12 -1.82 1.27
N SER A 70 -13.35 -2.28 0.30
CA SER A 70 -13.04 -1.48 -0.89
C SER A 70 -14.29 -1.31 -1.74
N THR A 71 -14.20 -0.45 -2.76
CA THR A 71 -15.30 -0.27 -3.68
C THR A 71 -15.66 -1.60 -4.35
N GLU A 72 -14.64 -2.28 -4.85
CA GLU A 72 -14.81 -3.57 -5.51
C GLU A 72 -15.49 -4.60 -4.61
N GLU A 73 -15.02 -4.72 -3.38
CA GLU A 73 -15.58 -5.67 -2.43
C GLU A 73 -17.02 -5.32 -2.04
N LYS A 74 -17.31 -4.02 -1.97
CA LYS A 74 -18.66 -3.56 -1.65
C LYS A 74 -19.66 -3.94 -2.74
N GLU A 75 -19.27 -3.72 -4.00
CA GLU A 75 -20.16 -3.98 -5.12
C GLU A 75 -20.48 -5.47 -5.25
N PHE A 76 -19.48 -6.31 -5.05
CA PHE A 76 -19.65 -7.76 -5.13
C PHE A 76 -20.63 -8.26 -4.07
N LEU A 77 -20.45 -7.79 -2.84
CA LEU A 77 -21.32 -8.19 -1.74
C LEU A 77 -22.75 -7.70 -1.95
N LYS A 78 -22.89 -6.50 -2.50
CA LYS A 78 -24.22 -5.96 -2.80
C LYS A 78 -24.93 -6.81 -3.85
N LYS A 79 -24.17 -7.40 -4.76
CA LYS A 79 -24.73 -8.29 -5.76
C LYS A 79 -25.20 -9.60 -5.13
N LEU A 80 -24.48 -10.05 -4.11
CA LEU A 80 -24.88 -11.23 -3.35
C LEU A 80 -26.23 -11.00 -2.67
N GLN A 81 -26.37 -9.82 -2.07
CA GLN A 81 -27.60 -9.43 -1.38
C GLN A 81 -28.81 -9.57 -2.30
N ILE A 82 -28.67 -9.13 -3.54
CA ILE A 82 -29.74 -9.19 -4.51
C ILE A 82 -30.08 -10.64 -4.88
N ASP A 83 -29.06 -11.46 -5.09
CA ASP A 83 -29.28 -12.84 -5.50
C ASP A 83 -29.88 -13.69 -4.39
N ILE A 84 -29.60 -13.33 -3.14
CA ILE A 84 -30.21 -14.00 -1.99
C ILE A 84 -31.67 -13.58 -1.89
N ARG A 85 -32.57 -14.53 -2.07
CA ARG A 85 -33.99 -14.22 -2.17
C ARG A 85 -34.81 -14.74 -1.00
N ASP A 86 -35.50 -13.83 -0.31
CA ASP A 86 -36.42 -14.21 0.74
C ASP A 86 -37.87 -13.93 0.32
N SER A 87 -38.72 -13.59 1.28
CA SER A 87 -40.13 -13.36 0.99
C SER A 87 -40.39 -11.95 0.43
N LEU A 88 -39.53 -11.00 0.78
CA LEU A 88 -39.67 -9.63 0.30
C LEU A 88 -39.15 -9.45 -1.12
N SER A 89 -38.49 -10.48 -1.64
CA SER A 89 -37.91 -10.44 -2.97
C SER A 89 -38.98 -10.40 -4.06
N GLU A 90 -38.73 -9.61 -5.10
CA GLU A 90 -39.64 -9.47 -6.23
C GLU A 90 -39.79 -10.79 -6.99
N GLU A 91 -40.93 -10.97 -7.63
CA GLU A 91 -41.19 -12.18 -8.41
C GLU A 91 -40.30 -12.24 -9.64
N LEU A 107 -22.15 0.74 10.92
CA LEU A 107 -22.30 -0.70 11.00
C LEU A 107 -22.32 -1.19 12.44
N SER A 108 -22.97 -2.33 12.66
CA SER A 108 -23.01 -2.95 13.98
C SER A 108 -21.67 -3.55 14.38
N GLU A 109 -21.66 -4.25 15.52
CA GLU A 109 -20.47 -4.93 15.99
C GLU A 109 -20.46 -6.37 15.48
N LYS A 110 -21.63 -6.99 15.48
CA LYS A 110 -21.78 -8.34 14.93
C LYS A 110 -21.54 -8.34 13.42
N GLU A 111 -22.05 -7.30 12.75
CA GLU A 111 -22.00 -7.20 11.31
C GLU A 111 -20.59 -6.87 10.80
N LYS A 112 -19.82 -6.15 11.62
CA LYS A 112 -18.45 -5.79 11.24
C LYS A 112 -17.54 -7.01 11.25
N GLU A 113 -17.65 -7.84 12.27
CA GLU A 113 -16.82 -9.03 12.39
C GLU A 113 -17.12 -10.03 11.29
N PHE A 114 -18.39 -10.16 10.94
CA PHE A 114 -18.81 -11.07 9.87
C PHE A 114 -18.21 -10.64 8.54
N LEU A 115 -18.36 -9.37 8.21
CA LEU A 115 -17.84 -8.82 6.96
C LEU A 115 -16.33 -8.91 6.88
N LYS A 116 -15.65 -8.80 8.02
CA LYS A 116 -14.19 -8.85 8.05
C LYS A 116 -13.68 -10.24 7.73
N LYS A 117 -14.46 -11.25 8.12
CA LYS A 117 -14.10 -12.64 7.82
C LYS A 117 -14.47 -12.98 6.37
N LEU A 118 -15.64 -12.54 5.95
CA LEU A 118 -16.14 -12.83 4.60
C LEU A 118 -15.30 -12.16 3.53
N LYS A 119 -14.67 -11.04 3.89
CA LYS A 119 -13.81 -10.29 2.97
C LYS A 119 -12.69 -11.18 2.43
N LEU A 120 -12.13 -12.01 3.30
CA LEU A 120 -10.99 -12.85 2.96
C LEU A 120 -11.34 -13.93 1.93
N ASP A 121 -12.63 -14.23 1.80
CA ASP A 121 -13.06 -15.32 0.93
C ASP A 121 -13.68 -14.87 -0.39
N ILE A 122 -13.72 -13.55 -0.62
CA ILE A 122 -14.25 -13.03 -1.87
C ILE A 122 -13.14 -12.42 -2.72
N GLN A 123 -11.89 -12.72 -2.38
CA GLN A 123 -10.74 -12.24 -3.15
C GLN A 123 -10.50 -13.15 -4.35
N PRO A 124 -10.31 -12.56 -5.53
CA PRO A 124 -9.94 -13.34 -6.70
C PRO A 124 -8.54 -13.94 -6.56
N TYR A 125 -8.33 -15.12 -7.13
CA TYR A 125 -6.99 -15.72 -7.14
C TYR A 125 -6.14 -14.99 -8.16
N ASP A 126 -5.30 -14.07 -7.68
CA ASP A 126 -4.53 -13.19 -8.54
C ASP A 126 -3.05 -13.28 -8.21
N ILE A 127 -2.31 -14.04 -9.02
CA ILE A 127 -0.90 -14.30 -8.76
C ILE A 127 -0.05 -13.02 -8.78
N ASN A 128 -0.24 -12.17 -9.78
CA ASN A 128 0.52 -10.94 -9.88
C ASN A 128 0.20 -9.96 -8.76
N GLN A 129 -1.03 -10.01 -8.26
CA GLN A 129 -1.44 -9.12 -7.17
C GLN A 129 -0.87 -9.60 -5.85
N ARG A 130 -0.77 -10.92 -5.69
CA ARG A 130 -0.18 -11.51 -4.50
C ARG A 130 1.29 -11.14 -4.41
N LEU A 131 1.97 -11.21 -5.54
CA LEU A 131 3.39 -10.86 -5.60
C LEU A 131 3.60 -9.39 -5.30
N GLN A 132 2.77 -8.52 -5.89
CA GLN A 132 2.90 -7.09 -5.65
C GLN A 132 2.58 -6.75 -4.19
N ASP A 133 1.48 -7.30 -3.67
CA ASP A 133 1.06 -7.02 -2.30
C ASP A 133 2.14 -7.43 -1.29
N THR A 134 2.79 -8.56 -1.55
CA THR A 134 3.78 -9.09 -0.63
C THR A 134 5.18 -8.56 -0.93
N GLY A 135 5.34 -7.98 -2.11
CA GLY A 135 6.65 -7.59 -2.58
C GLY A 135 7.56 -8.79 -2.77
N GLY A 136 6.94 -9.95 -3.02
CA GLY A 136 7.68 -11.19 -3.19
C GLY A 136 7.83 -11.99 -1.92
N LEU A 137 7.41 -11.40 -0.81
CA LEU A 137 7.46 -12.10 0.48
C LEU A 137 6.23 -13.00 0.65
N ILE A 138 6.14 -14.01 -0.21
CA ILE A 138 4.93 -14.80 -0.34
C ILE A 138 4.66 -15.76 0.82
N ASP A 139 5.61 -15.88 1.74
CA ASP A 139 5.38 -16.68 2.95
C ASP A 139 4.66 -15.87 4.03
N SER A 140 4.44 -14.58 3.77
CA SER A 140 3.74 -13.72 4.72
C SER A 140 2.36 -14.27 5.03
N PRO A 141 2.06 -14.46 6.32
CA PRO A 141 0.78 -15.05 6.76
C PRO A 141 -0.37 -14.05 6.69
N SER A 142 -0.58 -13.45 5.52
CA SER A 142 -1.63 -12.46 5.33
C SER A 142 -2.81 -13.04 4.56
N ILE A 143 -2.70 -14.30 4.16
CA ILE A 143 -3.82 -15.01 3.52
C ILE A 143 -3.88 -16.43 4.07
N ASN A 144 -5.04 -17.07 3.92
CA ASN A 144 -5.24 -18.43 4.40
C ASN A 144 -4.16 -19.38 3.90
N LEU A 145 -3.72 -20.29 4.78
CA LEU A 145 -2.58 -21.16 4.50
C LEU A 145 -2.70 -21.93 3.18
N ASP A 146 -3.90 -22.42 2.87
CA ASP A 146 -4.08 -23.28 1.71
C ASP A 146 -3.87 -22.51 0.40
N VAL A 147 -4.44 -21.31 0.30
CA VAL A 147 -4.26 -20.51 -0.90
C VAL A 147 -2.84 -19.92 -0.94
N ARG A 148 -2.25 -19.74 0.24
CA ARG A 148 -0.89 -19.22 0.35
C ARG A 148 0.12 -20.20 -0.25
N LYS A 149 -0.12 -21.49 -0.04
CA LYS A 149 0.76 -22.53 -0.57
C LYS A 149 0.54 -22.73 -2.06
N GLN A 150 -0.69 -22.54 -2.52
CA GLN A 150 -1.02 -22.66 -3.93
C GLN A 150 -0.32 -21.57 -4.74
N TYR A 151 -0.33 -20.35 -4.19
CA TYR A 151 0.41 -19.25 -4.79
C TYR A 151 1.88 -19.60 -4.94
N LYS A 152 2.47 -20.14 -3.88
CA LYS A 152 3.88 -20.52 -3.86
C LYS A 152 4.22 -21.53 -4.95
N ARG A 153 3.37 -22.54 -5.11
CA ARG A 153 3.59 -23.56 -6.13
C ARG A 153 3.48 -22.97 -7.53
N ASP A 154 2.43 -22.18 -7.77
CA ASP A 154 2.25 -21.53 -9.06
C ASP A 154 3.42 -20.62 -9.42
N ILE A 155 3.80 -19.76 -8.48
CA ILE A 155 4.89 -18.82 -8.69
C ILE A 155 6.20 -19.55 -9.02
N GLN A 156 6.50 -20.60 -8.27
CA GLN A 156 7.69 -21.41 -8.53
C GLN A 156 7.66 -22.01 -9.92
N ASN A 157 6.49 -22.50 -10.33
CA ASN A 157 6.34 -23.13 -11.64
C ASN A 157 6.42 -22.12 -12.77
N ILE A 158 5.92 -20.91 -12.53
CA ILE A 158 6.03 -19.84 -13.52
C ILE A 158 7.49 -19.45 -13.71
N ASP A 159 8.22 -19.33 -12.60
CA ASP A 159 9.65 -19.03 -12.63
C ASP A 159 10.40 -20.06 -13.47
N ALA A 160 9.95 -21.31 -13.40
CA ALA A 160 10.56 -22.40 -14.16
C ALA A 160 10.23 -22.32 -15.66
N LEU A 161 9.06 -21.76 -15.98
CA LEU A 161 8.66 -21.58 -17.37
C LEU A 161 9.43 -20.46 -18.04
N LEU A 162 9.64 -19.38 -17.29
CA LEU A 162 10.33 -18.20 -17.82
C LEU A 162 11.84 -18.38 -17.70
N HIS A 163 12.40 -19.25 -18.55
CA HIS A 163 13.82 -19.59 -18.44
C HIS A 163 14.66 -19.13 -19.63
N GLN A 164 14.01 -18.80 -20.74
CA GLN A 164 14.73 -18.33 -21.92
C GLN A 164 14.86 -16.81 -21.92
N SER A 165 16.09 -16.33 -21.97
CA SER A 165 16.36 -14.90 -21.98
C SER A 165 16.10 -14.32 -23.37
N ILE A 166 15.88 -13.00 -23.42
CA ILE A 166 15.64 -12.33 -24.69
C ILE A 166 16.90 -12.40 -25.55
N GLY A 167 18.06 -12.40 -24.90
CA GLY A 167 19.32 -12.67 -25.57
C GLY A 167 19.94 -11.50 -26.31
N SER A 168 21.19 -11.67 -26.71
CA SER A 168 21.98 -10.61 -27.34
C SER A 168 21.50 -10.26 -28.75
N THR A 169 20.69 -11.12 -29.35
CA THR A 169 20.23 -10.88 -30.72
C THR A 169 19.03 -9.93 -30.77
N LEU A 170 18.37 -9.69 -29.63
CA LEU A 170 17.11 -8.96 -29.64
C LEU A 170 16.93 -7.93 -28.53
N TYR A 171 17.80 -7.95 -27.52
CA TYR A 171 17.59 -7.10 -26.34
C TYR A 171 17.62 -5.61 -26.68
N ASN A 172 18.45 -5.23 -27.65
CA ASN A 172 18.57 -3.84 -28.05
C ASN A 172 18.00 -3.60 -29.43
N LYS A 173 17.05 -4.45 -29.82
CA LYS A 173 16.38 -4.30 -31.11
C LYS A 173 14.90 -4.06 -30.90
N ILE A 174 14.45 -4.17 -29.65
CA ILE A 174 13.03 -3.95 -29.33
C ILE A 174 12.85 -3.09 -28.09
N TYR A 175 11.71 -2.41 -28.03
CA TYR A 175 11.26 -1.78 -26.80
C TYR A 175 10.02 -2.52 -26.30
N LEU A 176 9.86 -2.57 -24.99
CA LEU A 176 8.67 -3.18 -24.39
C LEU A 176 7.82 -2.08 -23.76
N TYR A 177 6.51 -2.15 -23.98
CA TYR A 177 5.63 -1.07 -23.57
C TYR A 177 4.61 -1.52 -22.53
N GLU A 178 4.26 -0.61 -21.63
CA GLU A 178 3.27 -0.89 -20.60
C GLU A 178 2.50 0.38 -20.23
N ASN A 179 1.19 0.28 -20.20
CA ASN A 179 0.34 1.37 -19.74
C ASN A 179 0.00 1.15 -18.28
N MET A 180 -0.07 2.23 -17.51
CA MET A 180 -0.22 2.10 -16.07
C MET A 180 -1.02 3.24 -15.46
N ASN A 181 -1.86 2.92 -14.49
CA ASN A 181 -2.57 3.92 -13.71
C ASN A 181 -1.61 4.58 -12.73
N ILE A 182 -1.69 5.90 -12.62
CA ILE A 182 -0.83 6.67 -11.72
C ILE A 182 -1.03 6.25 -10.26
N ASN A 183 -2.25 5.82 -9.93
CA ASN A 183 -2.60 5.42 -8.57
C ASN A 183 -1.84 4.19 -8.08
N ASN A 184 -1.28 3.44 -9.02
CA ASN A 184 -0.48 2.26 -8.68
C ASN A 184 0.85 2.65 -8.02
N LEU A 185 1.36 3.82 -8.40
CA LEU A 185 2.61 4.33 -7.84
C LEU A 185 2.34 5.31 -6.70
N THR A 186 1.43 6.25 -6.92
CA THR A 186 1.07 7.23 -5.91
C THR A 186 -0.36 7.73 -6.12
N ALA A 187 -1.26 7.26 -5.25
CA ALA A 187 -2.66 7.66 -5.33
C ALA A 187 -2.86 9.08 -4.80
N THR A 188 -1.91 9.56 -3.99
CA THR A 188 -1.97 10.91 -3.47
C THR A 188 -1.76 11.92 -4.60
N LEU A 189 -0.65 11.78 -5.32
CA LEU A 189 -0.37 12.64 -6.46
C LEU A 189 -1.34 12.35 -7.61
N GLY A 190 -1.81 11.11 -7.69
CA GLY A 190 -2.69 10.69 -8.76
C GLY A 190 -4.05 11.38 -8.75
N ALA A 191 -4.42 11.92 -7.60
CA ALA A 191 -5.70 12.60 -7.45
C ALA A 191 -5.72 13.94 -8.18
N ASP A 192 -4.54 14.45 -8.54
CA ASP A 192 -4.45 15.76 -9.17
C ASP A 192 -3.58 15.79 -10.43
N LEU A 193 -3.14 14.62 -10.89
CA LEU A 193 -2.26 14.55 -12.04
C LEU A 193 -2.91 15.13 -13.29
N VAL A 194 -4.18 14.80 -13.48
CA VAL A 194 -4.93 15.30 -14.63
C VAL A 194 -5.40 16.73 -14.37
N ASP A 195 -5.27 17.59 -15.38
CA ASP A 195 -5.71 18.99 -15.27
C ASP A 195 -7.23 19.03 -15.07
N SER A 196 -7.66 19.61 -13.96
CA SER A 196 -9.08 19.66 -13.61
C SER A 196 -9.88 20.59 -14.52
N THR A 197 -9.20 21.51 -15.19
CA THR A 197 -9.87 22.44 -16.09
C THR A 197 -9.89 21.89 -17.51
N ASP A 198 -9.10 20.85 -17.76
CA ASP A 198 -9.02 20.23 -19.07
C ASP A 198 -8.40 18.83 -18.93
N ASN A 199 -9.23 17.80 -19.02
CA ASN A 199 -8.79 16.43 -18.75
C ASN A 199 -7.84 15.87 -19.81
N THR A 200 -7.68 16.58 -20.92
CA THR A 200 -6.75 16.17 -21.96
C THR A 200 -5.33 16.63 -21.63
N LYS A 201 -5.20 17.41 -20.56
CA LYS A 201 -3.90 17.95 -20.17
C LYS A 201 -3.41 17.35 -18.86
N ILE A 202 -2.09 17.33 -18.70
CA ILE A 202 -1.47 16.90 -17.45
C ILE A 202 -1.11 18.11 -16.60
N ASN A 203 -1.45 18.06 -15.31
CA ASN A 203 -1.05 19.12 -14.39
CA ASN A 203 -1.05 19.11 -14.38
C ASN A 203 0.46 19.19 -14.27
N ARG A 204 1.04 20.24 -14.83
CA ARG A 204 2.49 20.40 -14.88
C ARG A 204 3.14 20.40 -13.49
N GLY A 205 2.45 20.96 -12.51
CA GLY A 205 2.98 21.01 -11.16
C GLY A 205 3.05 19.65 -10.50
N ILE A 206 1.96 18.90 -10.60
CA ILE A 206 1.89 17.55 -10.06
C ILE A 206 2.84 16.63 -10.82
N PHE A 207 3.04 16.92 -12.10
CA PHE A 207 3.99 16.16 -12.92
C PHE A 207 5.39 16.24 -12.33
N ASN A 208 5.81 17.46 -11.96
CA ASN A 208 7.15 17.67 -11.44
C ASN A 208 7.40 16.92 -10.14
N GLU A 209 6.39 16.88 -9.27
CA GLU A 209 6.53 16.18 -8.00
C GLU A 209 6.63 14.67 -8.20
N PHE A 210 5.87 14.14 -9.15
CA PHE A 210 5.93 12.73 -9.49
C PHE A 210 7.30 12.33 -10.01
N LYS A 211 7.88 13.20 -10.83
CA LYS A 211 9.13 12.93 -11.52
C LYS A 211 10.35 13.18 -10.65
N LYS A 212 10.22 14.14 -9.74
CA LYS A 212 11.35 14.66 -8.95
C LYS A 212 12.29 13.59 -8.38
N ASN A 213 11.74 12.63 -7.63
CA ASN A 213 12.58 11.60 -7.02
C ASN A 213 12.31 10.21 -7.59
N PHE A 214 12.01 10.15 -8.88
CA PHE A 214 11.79 8.88 -9.55
C PHE A 214 13.05 8.47 -10.31
N LYS A 215 13.94 7.76 -9.64
CA LYS A 215 15.21 7.38 -10.26
C LYS A 215 15.31 5.89 -10.54
N TYR A 216 14.69 5.08 -9.70
CA TYR A 216 14.69 3.63 -9.92
C TYR A 216 13.36 2.98 -9.51
N SER A 217 13.19 1.73 -9.95
CA SER A 217 11.90 1.04 -9.83
C SER A 217 12.10 -0.47 -9.81
N ILE A 218 11.27 -1.17 -9.03
CA ILE A 218 11.39 -2.62 -8.88
C ILE A 218 10.11 -3.33 -9.28
N SER A 219 10.25 -4.41 -10.06
CA SER A 219 9.11 -5.25 -10.39
C SER A 219 9.20 -6.57 -9.64
N SER A 220 8.29 -6.78 -8.69
CA SER A 220 8.29 -7.98 -7.87
C SER A 220 7.34 -9.03 -8.43
N ASN A 221 6.60 -8.66 -9.47
CA ASN A 221 5.72 -9.62 -10.14
C ASN A 221 6.12 -9.78 -11.61
N TYR A 222 5.20 -10.35 -12.40
CA TYR A 222 5.48 -10.60 -13.81
C TYR A 222 4.88 -9.50 -14.68
N MET A 223 5.74 -8.65 -15.22
CA MET A 223 5.30 -7.59 -16.11
C MET A 223 4.80 -8.17 -17.41
N ILE A 224 3.59 -7.78 -17.79
CA ILE A 224 3.02 -8.15 -19.08
C ILE A 224 3.12 -6.94 -20.00
N VAL A 225 3.99 -7.05 -21.00
CA VAL A 225 4.33 -5.91 -21.84
C VAL A 225 4.17 -6.22 -23.32
N ASP A 226 4.08 -5.18 -24.13
CA ASP A 226 3.90 -5.31 -25.57
C ASP A 226 5.11 -4.84 -26.36
N ILE A 227 5.34 -5.45 -27.51
CA ILE A 227 6.48 -5.12 -28.36
C ILE A 227 6.24 -3.83 -29.13
N ASN A 228 4.96 -3.46 -29.26
CA ASN A 228 4.58 -2.19 -29.84
C ASN A 228 3.62 -1.44 -28.92
N GLU A 229 3.77 -0.13 -28.87
CA GLU A 229 2.97 0.68 -27.95
C GLU A 229 1.48 0.54 -28.25
N ARG A 230 0.68 0.48 -27.20
CA ARG A 230 -0.75 0.30 -27.35
C ARG A 230 -1.49 1.47 -26.72
N PRO A 231 -2.68 1.80 -27.24
CA PRO A 231 -3.49 2.89 -26.68
C PRO A 231 -3.78 2.67 -25.20
N ALA A 232 -3.73 3.75 -24.42
CA ALA A 232 -4.08 3.67 -23.01
C ALA A 232 -5.57 3.45 -22.87
N LEU A 233 -5.97 2.69 -21.86
CA LEU A 233 -7.38 2.47 -21.59
C LEU A 233 -7.80 3.38 -20.45
N ASP A 234 -8.89 3.04 -19.76
CA ASP A 234 -9.42 3.91 -18.70
C ASP A 234 -8.40 4.21 -17.60
N ASN A 235 -8.23 5.50 -17.30
CA ASN A 235 -7.41 5.99 -16.18
C ASN A 235 -5.92 5.64 -16.28
N GLU A 236 -5.40 5.52 -17.49
CA GLU A 236 -3.97 5.25 -17.67
C GLU A 236 -3.29 6.43 -18.36
N ARG A 237 -2.46 7.16 -17.63
CA ARG A 237 -1.78 8.32 -18.18
C ARG A 237 -0.26 8.11 -18.21
N LEU A 238 0.17 6.98 -17.67
CA LEU A 238 1.58 6.61 -17.70
C LEU A 238 1.85 5.62 -18.81
N LYS A 239 2.80 5.91 -19.68
CA LYS A 239 3.14 5.00 -20.77
C LYS A 239 4.62 4.62 -20.74
N TRP A 240 4.89 3.46 -20.14
CA TRP A 240 6.26 2.95 -19.99
C TRP A 240 6.88 2.49 -21.31
N ARG A 241 8.14 2.82 -21.49
CA ARG A 241 8.93 2.28 -22.60
C ARG A 241 10.21 1.69 -22.02
N ILE A 242 10.40 0.40 -22.23
CA ILE A 242 11.41 -0.35 -21.49
C ILE A 242 12.37 -1.11 -22.40
N GLN A 243 13.67 -0.99 -22.12
CA GLN A 243 14.65 -1.86 -22.77
C GLN A 243 15.13 -2.92 -21.79
N LEU A 244 15.13 -4.16 -22.24
CA LEU A 244 15.58 -5.28 -21.42
C LEU A 244 17.09 -5.40 -21.46
N SER A 245 17.64 -6.23 -20.57
CA SER A 245 19.03 -6.62 -20.66
C SER A 245 19.10 -7.95 -21.41
N PRO A 246 20.28 -8.32 -21.92
CA PRO A 246 20.40 -9.61 -22.61
C PRO A 246 19.94 -10.79 -21.74
N ASP A 247 20.21 -10.69 -20.44
CA ASP A 247 19.95 -11.78 -19.51
C ASP A 247 18.50 -11.86 -19.05
N THR A 248 17.74 -10.79 -19.30
CA THR A 248 16.35 -10.74 -18.87
C THR A 248 15.54 -11.88 -19.49
N ARG A 249 14.95 -12.70 -18.63
CA ARG A 249 14.16 -13.84 -19.09
C ARG A 249 12.71 -13.43 -19.34
N ALA A 250 12.08 -14.09 -20.31
CA ALA A 250 10.72 -13.75 -20.70
C ALA A 250 10.05 -14.90 -21.45
N GLY A 251 8.75 -14.75 -21.70
CA GLY A 251 7.99 -15.69 -22.51
C GLY A 251 7.09 -14.96 -23.47
N TYR A 252 6.86 -15.56 -24.64
CA TYR A 252 5.99 -14.95 -25.65
C TYR A 252 4.56 -15.42 -25.46
N LEU A 253 3.63 -14.47 -25.42
CA LEU A 253 2.22 -14.79 -25.19
C LEU A 253 1.41 -14.70 -26.48
N GLU A 254 2.11 -14.61 -27.60
CA GLU A 254 1.51 -14.32 -28.90
C GLU A 254 0.94 -12.91 -28.92
N ASN A 255 0.45 -12.50 -30.09
CA ASN A 255 -0.19 -11.20 -30.25
C ASN A 255 0.71 -10.03 -29.85
N GLY A 256 2.02 -10.20 -30.04
CA GLY A 256 2.98 -9.16 -29.78
C GLY A 256 3.12 -8.82 -28.30
N LYS A 257 2.92 -9.81 -27.44
CA LYS A 257 2.93 -9.59 -26.01
C LYS A 257 3.95 -10.50 -25.31
N LEU A 258 4.68 -9.94 -24.35
CA LEU A 258 5.65 -10.71 -23.57
C LEU A 258 5.30 -10.71 -22.09
N ILE A 259 5.64 -11.80 -21.41
CA ILE A 259 5.62 -11.81 -19.96
C ILE A 259 7.05 -11.90 -19.45
N LEU A 260 7.43 -10.98 -18.58
CA LEU A 260 8.80 -10.93 -18.07
C LEU A 260 8.93 -11.70 -16.77
N GLN A 261 10.15 -12.15 -16.48
CA GLN A 261 10.47 -12.74 -15.19
C GLN A 261 10.20 -11.74 -14.07
N ARG A 262 10.01 -12.25 -12.84
CA ARG A 262 9.81 -11.37 -11.69
C ARG A 262 11.16 -10.98 -11.09
N ASN A 263 11.13 -10.08 -10.11
CA ASN A 263 12.32 -9.60 -9.42
C ASN A 263 13.36 -8.98 -10.35
N ILE A 264 12.94 -7.98 -11.12
CA ILE A 264 13.87 -7.24 -11.97
C ILE A 264 13.95 -5.78 -11.55
N GLY A 265 15.14 -5.20 -11.71
CA GLY A 265 15.34 -3.80 -11.39
C GLY A 265 15.16 -2.93 -12.61
N LEU A 266 14.73 -1.69 -12.38
CA LEU A 266 14.54 -0.74 -13.46
C LEU A 266 15.12 0.62 -13.09
N GLU A 267 16.03 1.12 -13.91
CA GLU A 267 16.52 2.48 -13.73
C GLU A 267 15.73 3.42 -14.62
N ILE A 268 15.21 4.49 -14.03
CA ILE A 268 14.45 5.47 -14.78
C ILE A 268 15.40 6.37 -15.56
N LYS A 269 15.30 6.32 -16.89
CA LYS A 269 16.21 7.07 -17.74
C LYS A 269 15.64 8.43 -18.12
N ASP A 270 14.32 8.52 -18.22
CA ASP A 270 13.68 9.77 -18.62
C ASP A 270 12.18 9.75 -18.28
N VAL A 271 11.69 10.89 -17.82
CA VAL A 271 10.26 11.07 -17.56
C VAL A 271 9.79 12.37 -18.21
N GLN A 272 8.96 12.24 -19.24
CA GLN A 272 8.55 13.41 -20.02
C GLN A 272 7.06 13.42 -20.32
N ILE A 273 6.52 14.61 -20.54
CA ILE A 273 5.14 14.77 -20.96
C ILE A 273 5.07 14.70 -22.49
N ILE A 274 4.20 13.83 -22.99
CA ILE A 274 4.06 13.65 -24.43
C ILE A 274 2.59 13.77 -24.84
N LYS A 275 2.37 14.04 -26.12
CA LYS A 275 1.01 14.16 -26.63
C LYS A 275 0.68 13.04 -27.62
N GLN A 276 -0.42 12.33 -27.37
CA GLN A 276 -0.90 11.30 -28.27
C GLN A 276 -2.42 11.44 -28.42
N SER A 277 -2.88 11.52 -29.66
CA SER A 277 -4.31 11.65 -29.95
C SER A 277 -4.92 12.87 -29.25
N GLU A 278 -4.17 13.97 -29.25
CA GLU A 278 -4.60 15.24 -28.65
C GLU A 278 -4.77 15.14 -27.14
N LYS A 279 -4.32 14.04 -26.55
CA LYS A 279 -4.31 13.89 -25.10
C LYS A 279 -2.86 13.84 -24.61
N GLU A 280 -2.60 14.41 -23.44
CA GLU A 280 -1.26 14.39 -22.86
C GLU A 280 -1.04 13.17 -21.97
N TYR A 281 0.11 12.53 -22.15
CA TYR A 281 0.48 11.37 -21.34
C TYR A 281 1.85 11.59 -20.73
N ILE A 282 2.24 10.71 -19.82
CA ILE A 282 3.57 10.75 -19.25
C ILE A 282 4.42 9.59 -19.75
N ARG A 283 5.45 9.91 -20.53
CA ARG A 283 6.40 8.90 -20.97
C ARG A 283 7.36 8.54 -19.85
N ILE A 284 7.56 7.24 -19.65
CA ILE A 284 8.54 6.77 -18.68
C ILE A 284 9.51 5.79 -19.35
N ASP A 285 10.72 6.26 -19.65
CA ASP A 285 11.75 5.40 -20.22
C ASP A 285 12.55 4.72 -19.11
N ALA A 286 12.69 3.41 -19.21
CA ALA A 286 13.36 2.64 -18.17
C ALA A 286 14.25 1.56 -18.76
N LYS A 287 15.40 1.34 -18.12
CA LYS A 287 16.32 0.30 -18.51
C LYS A 287 16.38 -0.80 -17.46
N VAL A 288 16.27 -2.06 -17.88
CA VAL A 288 16.34 -3.17 -16.95
C VAL A 288 17.78 -3.36 -16.44
N VAL A 289 17.91 -3.48 -15.13
CA VAL A 289 19.20 -3.73 -14.48
C VAL A 289 18.99 -4.81 -13.41
N PRO A 290 20.08 -5.43 -12.93
CA PRO A 290 19.91 -6.40 -11.84
C PRO A 290 19.25 -5.79 -10.61
N LYS A 291 18.28 -6.52 -10.05
CA LYS A 291 17.53 -6.05 -8.88
C LYS A 291 18.45 -5.82 -7.69
N SER A 292 19.51 -6.61 -7.61
CA SER A 292 20.49 -6.49 -6.53
C SER A 292 21.13 -5.11 -6.53
N LYS A 293 21.31 -4.56 -7.73
CA LYS A 293 21.90 -3.22 -7.88
C LYS A 293 21.02 -2.16 -7.24
N ILE A 294 19.71 -2.29 -7.42
CA ILE A 294 18.75 -1.34 -6.86
C ILE A 294 18.64 -1.52 -5.35
N ASP A 295 18.61 -2.76 -4.91
CA ASP A 295 18.51 -3.08 -3.48
C ASP A 295 19.71 -2.53 -2.70
N THR A 296 20.86 -2.48 -3.35
CA THR A 296 22.05 -1.92 -2.72
C THR A 296 21.87 -0.43 -2.44
N LYS A 297 21.28 0.28 -3.39
CA LYS A 297 20.98 1.71 -3.22
C LYS A 297 20.03 1.96 -2.07
N ILE A 298 19.07 1.05 -1.90
CA ILE A 298 18.06 1.19 -0.86
C ILE A 298 18.67 0.97 0.51
N GLN A 299 19.59 0.02 0.62
CA GLN A 299 20.25 -0.28 1.89
C GLN A 299 21.18 0.84 2.31
N GLU A 300 21.89 1.43 1.35
CA GLU A 300 22.76 2.56 1.64
C GLU A 300 21.93 3.74 2.13
N ALA A 301 20.73 3.88 1.58
CA ALA A 301 19.82 4.95 1.98
C ALA A 301 19.29 4.72 3.39
N GLN A 302 18.99 3.46 3.71
CA GLN A 302 18.53 3.10 5.05
C GLN A 302 19.66 3.31 6.05
N LEU A 303 20.88 3.02 5.62
CA LEU A 303 22.05 3.24 6.44
C LEU A 303 22.27 4.73 6.68
N ASN A 304 21.98 5.53 5.66
CA ASN A 304 22.20 6.97 5.71
C ASN A 304 21.16 7.70 6.55
N ILE A 305 19.89 7.36 6.34
CA ILE A 305 18.80 8.06 7.04
C ILE A 305 18.82 7.74 8.54
N ASN A 306 19.33 6.56 8.90
CA ASN A 306 19.45 6.19 10.30
C ASN A 306 20.61 6.91 10.98
N GLN A 307 21.73 7.06 10.27
CA GLN A 307 22.86 7.78 10.84
C GLN A 307 22.50 9.25 11.02
N GLU A 308 21.78 9.80 10.05
CA GLU A 308 21.35 11.20 10.10
C GLU A 308 20.38 11.46 11.26
N TRP A 309 19.41 10.57 11.43
CA TRP A 309 18.33 10.82 12.38
C TRP A 309 18.63 10.36 13.80
N ASN A 310 19.58 9.44 13.96
CA ASN A 310 20.06 9.09 15.30
C ASN A 310 20.75 10.29 15.93
N LYS A 311 21.49 11.03 15.12
CA LYS A 311 22.18 12.22 15.57
C LYS A 311 21.21 13.34 15.93
N ALA A 312 20.18 13.51 15.11
CA ALA A 312 19.19 14.56 15.31
C ALA A 312 18.37 14.33 16.57
N LEU A 313 17.98 13.07 16.79
CA LEU A 313 17.11 12.74 17.91
C LEU A 313 17.91 12.45 19.18
N GLY A 314 19.24 12.45 19.06
CA GLY A 314 20.10 12.17 20.19
C GLY A 314 20.03 10.72 20.62
N LEU A 315 19.77 9.84 19.66
CA LEU A 315 19.72 8.40 19.92
C LEU A 315 21.12 7.81 19.81
N PRO A 316 21.34 6.66 20.47
CA PRO A 316 22.61 5.94 20.33
C PRO A 316 22.98 5.71 18.87
N LYS A 317 24.27 5.81 18.57
CA LYS A 317 24.78 5.77 17.21
C LYS A 317 24.46 4.46 16.47
N TYR A 318 24.24 3.39 17.23
CA TYR A 318 24.02 2.07 16.64
C TYR A 318 22.54 1.72 16.51
N THR A 319 21.67 2.67 16.86
CA THR A 319 20.23 2.43 16.80
C THR A 319 19.76 2.17 15.38
N LYS A 320 18.97 1.12 15.20
CA LYS A 320 18.25 0.93 13.95
C LYS A 320 16.77 1.22 14.20
N LEU A 321 16.32 2.35 13.68
CA LEU A 321 14.95 2.82 13.91
C LEU A 321 14.16 2.88 12.62
N ILE A 322 14.79 3.37 11.56
CA ILE A 322 14.11 3.54 10.28
C ILE A 322 14.39 2.37 9.36
N THR A 323 13.33 1.81 8.78
CA THR A 323 13.44 0.64 7.93
C THR A 323 12.74 0.84 6.59
N PHE A 324 13.43 0.50 5.51
CA PHE A 324 12.84 0.52 4.18
C PHE A 324 12.45 -0.90 3.76
N ASN A 325 11.16 -1.12 3.55
CA ASN A 325 10.67 -2.38 3.04
C ASN A 325 10.01 -2.14 1.67
N VAL A 326 10.84 -1.94 0.66
CA VAL A 326 10.33 -1.56 -0.65
C VAL A 326 10.65 -2.61 -1.72
N HIS A 327 9.66 -2.89 -2.57
CA HIS A 327 9.78 -3.97 -3.54
C HIS A 327 9.05 -3.68 -4.85
N ASN A 328 8.47 -2.48 -4.96
CA ASN A 328 7.59 -2.21 -6.09
C ASN A 328 7.99 -1.01 -6.96
N ARG A 329 7.11 -0.66 -7.90
CA ARG A 329 7.49 0.14 -9.07
C ARG A 329 7.74 1.63 -8.84
N TYR A 330 7.43 2.13 -7.65
CA TYR A 330 7.71 3.53 -7.33
C TYR A 330 8.76 3.60 -6.23
N ALA A 331 9.70 2.66 -6.25
CA ALA A 331 10.61 2.39 -5.13
C ALA A 331 11.41 3.59 -4.66
N SER A 332 11.96 4.37 -5.59
CA SER A 332 12.85 5.48 -5.21
C SER A 332 12.13 6.58 -4.43
N ASN A 333 10.85 6.77 -4.70
CA ASN A 333 10.09 7.81 -4.03
C ASN A 333 9.76 7.44 -2.60
N ILE A 334 9.52 6.15 -2.34
CA ILE A 334 9.26 5.68 -0.99
C ILE A 334 10.45 6.01 -0.09
N VAL A 335 11.65 5.79 -0.61
CA VAL A 335 12.87 6.07 0.11
C VAL A 335 13.03 7.58 0.38
N GLU A 336 12.86 8.36 -0.67
CA GLU A 336 13.10 9.79 -0.58
C GLU A 336 12.04 10.54 0.22
N SER A 337 10.80 10.06 0.17
CA SER A 337 9.71 10.71 0.88
C SER A 337 9.82 10.49 2.39
N ALA A 338 10.59 9.48 2.79
CA ALA A 338 10.81 9.21 4.20
C ALA A 338 11.53 10.38 4.86
N TYR A 339 12.51 10.95 4.15
CA TYR A 339 13.22 12.12 4.63
C TYR A 339 12.28 13.30 4.83
N LEU A 340 11.33 13.44 3.91
CA LEU A 340 10.40 14.56 3.93
C LEU A 340 9.34 14.40 5.01
N ILE A 341 8.81 13.19 5.12
CA ILE A 341 7.81 12.86 6.14
C ILE A 341 8.35 13.12 7.55
N LEU A 342 9.58 12.68 7.80
CA LEU A 342 10.18 12.83 9.12
C LEU A 342 10.56 14.28 9.43
N ASN A 343 10.93 15.04 8.40
CA ASN A 343 11.24 16.45 8.58
C ASN A 343 10.02 17.25 9.02
N GLU A 344 8.90 17.04 8.32
CA GLU A 344 7.63 17.67 8.69
C GLU A 344 7.24 17.26 10.10
N TRP A 345 7.48 16.00 10.41
CA TRP A 345 7.23 15.43 11.73
C TRP A 345 8.00 16.18 12.81
N LYS A 346 9.30 16.37 12.59
CA LYS A 346 10.16 17.08 13.54
C LYS A 346 9.81 18.57 13.59
N ASN A 347 9.23 19.08 12.51
CA ASN A 347 8.90 20.51 12.43
C ASN A 347 7.58 20.87 13.10
N ASN A 348 6.69 19.90 13.27
CA ASN A 348 5.35 20.19 13.76
C ASN A 348 5.03 19.58 15.12
N ILE A 349 6.00 18.88 15.70
CA ILE A 349 5.86 18.37 17.06
C ILE A 349 7.02 18.84 17.90
N GLN A 350 6.74 19.25 19.14
CA GLN A 350 7.79 19.77 20.02
C GLN A 350 8.87 18.72 20.26
N SER A 351 10.12 19.17 20.25
CA SER A 351 11.27 18.28 20.29
C SER A 351 11.30 17.36 21.51
N ASP A 352 10.89 17.87 22.67
CA ASP A 352 10.99 17.09 23.91
C ASP A 352 9.94 15.98 23.96
N LEU A 353 8.78 16.20 23.37
CA LEU A 353 7.78 15.15 23.25
C LEU A 353 8.29 14.05 22.31
N ILE A 354 8.93 14.47 21.22
CA ILE A 354 9.45 13.55 20.23
C ILE A 354 10.55 12.66 20.80
N LYS A 355 11.44 13.26 21.60
CA LYS A 355 12.57 12.50 22.15
C LYS A 355 12.11 11.43 23.14
N LYS A 356 11.16 11.80 23.99
CA LYS A 356 10.67 10.89 25.02
C LYS A 356 9.95 9.68 24.42
N VAL A 357 9.04 9.92 23.49
CA VAL A 357 8.26 8.85 22.89
C VAL A 357 9.10 7.96 21.99
N THR A 358 9.97 8.56 21.19
CA THR A 358 10.82 7.80 20.28
C THR A 358 11.76 6.87 21.06
N ASN A 359 12.28 7.36 22.17
CA ASN A 359 13.15 6.54 23.02
C ASN A 359 12.39 5.35 23.63
N TYR A 360 11.14 5.58 23.98
CA TYR A 360 10.27 4.51 24.46
C TYR A 360 10.07 3.45 23.39
N LEU A 361 9.85 3.90 22.16
CA LEU A 361 9.69 3.01 21.02
C LEU A 361 10.96 2.21 20.79
N VAL A 362 12.10 2.90 20.80
CA VAL A 362 13.39 2.28 20.60
C VAL A 362 13.68 1.24 21.68
N ASP A 363 13.28 1.56 22.91
CA ASP A 363 13.48 0.66 24.04
C ASP A 363 12.75 -0.67 23.86
N GLY A 364 11.80 -0.71 22.93
CA GLY A 364 11.10 -1.94 22.61
C GLY A 364 11.40 -2.42 21.20
N ASN A 365 12.55 -2.00 20.67
CA ASN A 365 12.97 -2.33 19.31
C ASN A 365 11.98 -1.89 18.24
N GLY A 366 11.24 -0.82 18.53
CA GLY A 366 10.27 -0.29 17.60
C GLY A 366 10.93 0.33 16.37
N ARG A 367 10.19 0.37 15.27
CA ARG A 367 10.73 0.88 14.01
C ARG A 367 9.80 1.90 13.36
N PHE A 368 10.37 2.75 12.52
CA PHE A 368 9.60 3.51 11.54
C PHE A 368 9.72 2.79 10.21
N VAL A 369 8.66 2.11 9.79
CA VAL A 369 8.72 1.34 8.55
C VAL A 369 8.05 2.07 7.38
N PHE A 370 8.83 2.35 6.35
CA PHE A 370 8.33 2.94 5.13
C PHE A 370 8.32 1.90 4.02
N THR A 371 7.16 1.67 3.41
CA THR A 371 7.00 0.53 2.52
C THR A 371 6.06 0.78 1.34
N ASP A 372 6.17 -0.07 0.33
CA ASP A 372 5.23 -0.06 -0.79
C ASP A 372 4.58 -1.43 -0.97
N ILE A 373 4.68 -2.28 0.07
CA ILE A 373 3.90 -3.50 0.13
C ILE A 373 2.75 -3.29 1.12
N THR A 374 1.68 -4.06 0.98
CA THR A 374 0.52 -3.88 1.85
C THR A 374 0.89 -4.22 3.29
N LEU A 375 0.30 -3.49 4.23
CA LEU A 375 0.70 -3.56 5.64
C LEU A 375 0.53 -4.94 6.33
N PRO A 376 -0.47 -5.75 5.91
CA PRO A 376 -0.49 -7.10 6.51
C PRO A 376 0.76 -7.93 6.21
N ASN A 377 1.54 -7.52 5.21
CA ASN A 377 2.77 -8.23 4.87
C ASN A 377 3.98 -7.62 5.57
N ILE A 378 3.75 -6.63 6.41
CA ILE A 378 4.82 -6.07 7.24
C ILE A 378 4.93 -6.87 8.53
N ALA A 379 6.13 -7.42 8.76
CA ALA A 379 6.38 -8.28 9.93
C ALA A 379 6.01 -7.61 11.23
N GLU A 380 6.25 -6.30 11.32
CA GLU A 380 5.93 -5.55 12.53
C GLU A 380 4.44 -5.55 12.84
N GLN A 381 3.62 -5.96 11.86
CA GLN A 381 2.20 -6.17 12.15
C GLN A 381 1.87 -7.66 12.32
N TYR A 382 2.07 -8.47 11.29
CA TYR A 382 1.51 -9.82 11.29
C TYR A 382 2.12 -10.73 12.37
N THR A 383 3.33 -10.43 12.83
CA THR A 383 3.94 -11.15 13.94
C THR A 383 3.05 -11.09 15.18
N HIS A 384 2.32 -9.99 15.31
CA HIS A 384 1.45 -9.78 16.46
C HIS A 384 -0.02 -9.75 16.06
N GLN A 385 -0.33 -10.36 14.92
CA GLN A 385 -1.72 -10.43 14.46
C GLN A 385 -1.97 -11.70 13.66
N ASP A 386 -2.18 -12.81 14.36
CA ASP A 386 -2.43 -14.10 13.73
C ASP A 386 -3.74 -14.13 12.96
N GLU A 387 -4.78 -13.53 13.54
CA GLU A 387 -6.08 -13.42 12.89
C GLU A 387 -5.98 -12.56 11.64
N ILE A 388 -6.14 -13.20 10.48
CA ILE A 388 -6.03 -12.51 9.20
C ILE A 388 -7.15 -11.48 9.04
N TYR A 389 -8.33 -11.81 9.53
CA TYR A 389 -9.48 -10.92 9.42
C TYR A 389 -9.33 -9.69 10.32
N GLU A 390 -8.35 -9.74 11.23
CA GLU A 390 -8.06 -8.60 12.08
C GLU A 390 -6.88 -7.79 11.55
N GLN A 391 -6.23 -8.31 10.51
CA GLN A 391 -5.12 -7.61 9.89
C GLN A 391 -5.64 -6.42 9.11
N VAL A 392 -4.81 -5.38 9.01
CA VAL A 392 -5.24 -4.12 8.44
C VAL A 392 -4.29 -3.64 7.35
N HIS A 393 -4.84 -3.19 6.23
CA HIS A 393 -4.06 -2.45 5.25
C HIS A 393 -4.58 -1.02 5.16
N SER A 394 -3.68 -0.06 5.26
CA SER A 394 -4.05 1.34 5.23
C SER A 394 -2.85 2.21 4.85
N LYS A 395 -3.06 3.52 4.80
CA LYS A 395 -1.98 4.47 4.58
C LYS A 395 -0.96 4.40 5.71
N GLY A 396 -1.46 4.37 6.94
CA GLY A 396 -0.58 4.34 8.09
C GLY A 396 -1.09 3.41 9.18
N LEU A 397 -0.19 3.02 10.08
CA LEU A 397 -0.56 2.14 11.17
C LEU A 397 0.42 2.28 12.34
N TYR A 398 -0.08 2.05 13.54
CA TYR A 398 0.78 1.90 14.70
C TYR A 398 0.49 0.59 15.40
N VAL A 399 1.55 -0.15 15.74
CA VAL A 399 1.42 -1.43 16.42
C VAL A 399 2.17 -1.39 17.75
N PRO A 400 1.43 -1.35 18.87
CA PRO A 400 2.05 -1.26 20.20
C PRO A 400 2.90 -2.47 20.57
N GLU A 401 2.50 -3.66 20.13
CA GLU A 401 3.22 -4.88 20.48
C GLU A 401 4.63 -4.88 19.89
N SER A 402 4.80 -4.17 18.79
CA SER A 402 6.11 -4.03 18.16
C SER A 402 6.58 -2.57 18.25
N ARG A 403 5.74 -1.73 18.85
CA ARG A 403 6.03 -0.30 19.02
C ARG A 403 6.50 0.37 17.73
N SER A 404 5.85 0.04 16.62
CA SER A 404 6.30 0.52 15.32
C SER A 404 5.24 1.34 14.60
N ILE A 405 5.71 2.30 13.82
CA ILE A 405 4.86 3.06 12.92
C ILE A 405 5.06 2.56 11.49
N LEU A 406 3.97 2.23 10.82
CA LEU A 406 4.03 1.75 9.45
C LEU A 406 3.40 2.79 8.51
N LEU A 407 4.09 3.12 7.43
CA LEU A 407 3.56 4.08 6.47
C LEU A 407 3.62 3.52 5.06
N HIS A 408 2.46 3.42 4.41
CA HIS A 408 2.33 2.85 3.08
C HIS A 408 2.30 3.95 2.02
N GLY A 409 3.36 4.01 1.22
CA GLY A 409 3.53 5.06 0.23
C GLY A 409 2.43 5.24 -0.82
N PRO A 410 2.25 4.26 -1.70
CA PRO A 410 1.38 4.36 -2.89
C PRO A 410 -0.09 4.70 -2.61
N SER A 411 -0.63 4.28 -1.47
CA SER A 411 -2.05 4.46 -1.20
C SER A 411 -2.40 5.92 -0.87
N LYS A 412 -3.69 6.17 -0.72
CA LYS A 412 -4.20 7.49 -0.35
C LYS A 412 -5.24 7.38 0.76
N GLY A 413 -4.90 7.89 1.94
CA GLY A 413 -5.81 7.83 3.07
C GLY A 413 -7.05 8.67 2.85
N VAL A 414 -8.21 8.07 3.07
CA VAL A 414 -9.47 8.79 2.97
C VAL A 414 -9.53 9.90 4.00
N GLU A 415 -9.80 11.12 3.55
CA GLU A 415 -9.81 12.31 4.39
C GLU A 415 -8.44 12.53 5.03
N LEU A 416 -7.39 12.50 4.21
CA LEU A 416 -6.02 12.67 4.69
C LEU A 416 -5.14 13.23 3.58
N ARG A 417 -4.70 14.47 3.75
CA ARG A 417 -4.00 15.21 2.69
C ARG A 417 -2.71 14.54 2.21
N ASN A 418 -1.82 14.21 3.14
CA ASN A 418 -0.51 13.68 2.77
C ASN A 418 0.05 12.66 3.76
N ASP A 419 1.27 12.21 3.47
CA ASP A 419 1.93 11.19 4.28
C ASP A 419 2.40 11.74 5.62
N SER A 420 2.87 12.99 5.63
CA SER A 420 3.35 13.62 6.85
C SER A 420 2.27 13.67 7.91
N GLU A 421 1.07 14.07 7.51
CA GLU A 421 -0.06 14.16 8.43
C GLU A 421 -0.51 12.78 8.91
N GLY A 422 -0.38 11.79 8.05
CA GLY A 422 -0.68 10.41 8.43
C GLY A 422 0.28 9.96 9.52
N PHE A 423 1.56 10.27 9.32
CA PHE A 423 2.61 9.87 10.26
C PHE A 423 2.37 10.48 11.64
N ILE A 424 1.99 11.75 11.66
CA ILE A 424 1.74 12.45 12.92
C ILE A 424 0.58 11.81 13.67
N HIS A 425 -0.44 11.39 12.93
CA HIS A 425 -1.56 10.63 13.49
C HIS A 425 -1.05 9.35 14.13
N GLU A 426 -0.16 8.65 13.43
CA GLU A 426 0.39 7.39 13.94
C GLU A 426 1.25 7.65 15.19
N PHE A 427 1.92 8.79 15.21
CA PHE A 427 2.72 9.17 16.37
C PHE A 427 1.81 9.53 17.54
N GLY A 428 0.58 9.94 17.22
CA GLY A 428 -0.43 10.16 18.23
C GLY A 428 -0.75 8.86 18.96
N HIS A 429 -0.88 7.78 18.18
CA HIS A 429 -1.08 6.46 18.76
C HIS A 429 0.08 6.09 19.69
N ALA A 430 1.28 6.50 19.32
CA ALA A 430 2.48 6.20 20.12
C ALA A 430 2.49 7.02 21.40
N VAL A 431 2.07 8.28 21.29
CA VAL A 431 1.88 9.13 22.45
C VAL A 431 0.88 8.50 23.40
N ASP A 432 -0.22 8.02 22.82
CA ASP A 432 -1.27 7.32 23.55
C ASP A 432 -0.69 6.13 24.32
N ASP A 433 0.18 5.37 23.66
CA ASP A 433 0.82 4.21 24.26
C ASP A 433 1.70 4.60 25.45
N TYR A 434 2.63 5.53 25.23
CA TYR A 434 3.61 5.89 26.25
C TYR A 434 2.96 6.53 27.49
N ALA A 435 1.97 7.39 27.26
CA ALA A 435 1.25 8.03 28.36
C ALA A 435 0.58 6.98 29.25
N GLY A 436 -0.07 6.01 28.64
CA GLY A 436 -0.70 4.93 29.38
C GLY A 436 0.33 4.06 30.07
N TYR A 437 1.49 3.90 29.42
CA TYR A 437 2.59 3.12 30.00
C TYR A 437 3.11 3.77 31.28
N LEU A 438 3.21 5.10 31.27
CA LEU A 438 3.74 5.82 32.43
C LEU A 438 2.85 5.68 33.65
N LEU A 439 1.55 5.53 33.44
CA LEU A 439 0.61 5.32 34.54
C LEU A 439 0.83 4.00 35.26
N ASP A 440 1.28 3.00 34.50
CA ASP A 440 1.47 1.65 35.03
C ASP A 440 2.36 0.86 34.07
N LYS A 441 3.62 0.69 34.44
CA LYS A 441 4.62 0.17 33.50
C LYS A 441 4.55 -1.34 33.30
N ASN A 442 4.26 -2.10 34.36
CA ASN A 442 4.22 -3.55 34.24
C ASN A 442 2.85 -4.05 33.79
N GLN A 443 1.81 -3.31 34.15
CA GLN A 443 0.47 -3.61 33.66
C GLN A 443 0.14 -2.62 32.56
N SER A 444 1.04 -2.51 31.59
CA SER A 444 0.97 -1.51 30.52
C SER A 444 -0.32 -1.56 29.74
N ASP A 445 -0.82 -0.37 29.39
CA ASP A 445 -2.05 -0.24 28.61
C ASP A 445 -2.05 1.11 27.90
N LEU A 446 -3.00 1.31 27.00
CA LEU A 446 -3.16 2.60 26.34
C LEU A 446 -3.86 3.56 27.28
N VAL A 447 -3.52 4.85 27.19
CA VAL A 447 -4.15 5.83 28.05
C VAL A 447 -5.59 6.05 27.61
N THR A 448 -5.89 5.71 26.37
CA THR A 448 -7.25 5.88 25.84
C THR A 448 -8.20 4.80 26.35
N ASN A 449 -7.64 3.77 26.98
CA ASN A 449 -8.44 2.70 27.57
C ASN A 449 -8.78 2.97 29.03
N SER A 450 -8.35 4.12 29.54
CA SER A 450 -8.71 4.52 30.89
C SER A 450 -10.11 5.12 30.90
N LYS A 451 -10.85 4.88 31.97
CA LYS A 451 -12.22 5.36 32.12
C LYS A 451 -12.34 6.86 31.89
N LYS A 452 -11.34 7.60 32.35
CA LYS A 452 -11.36 9.06 32.22
C LYS A 452 -11.48 9.52 30.76
N PHE A 453 -10.69 8.91 29.88
CA PHE A 453 -10.72 9.32 28.48
C PHE A 453 -11.93 8.74 27.77
N ILE A 454 -12.34 7.54 28.17
CA ILE A 454 -13.54 6.91 27.63
C ILE A 454 -14.72 7.85 27.79
N ASP A 455 -14.87 8.44 28.98
CA ASP A 455 -15.92 9.40 29.25
C ASP A 455 -15.79 10.63 28.35
N ILE A 456 -14.56 11.08 28.16
CA ILE A 456 -14.29 12.22 27.30
C ILE A 456 -14.66 11.89 25.85
N PHE A 457 -14.35 10.68 25.43
CA PHE A 457 -14.69 10.23 24.09
C PHE A 457 -16.20 10.13 23.90
N LYS A 458 -16.91 9.60 24.89
CA LYS A 458 -18.35 9.44 24.79
C LYS A 458 -19.05 10.79 24.66
N GLU A 459 -18.42 11.84 25.15
CA GLU A 459 -19.01 13.17 25.14
C GLU A 459 -18.63 13.99 23.90
N GLU A 460 -17.35 13.96 23.53
CA GLU A 460 -16.87 14.81 22.45
C GLU A 460 -16.46 14.06 21.18
N GLY A 461 -16.62 12.74 21.20
CA GLY A 461 -16.15 11.89 20.12
C GLY A 461 -16.67 12.19 18.73
N SER A 462 -17.77 12.92 18.65
CA SER A 462 -18.39 13.21 17.36
C SER A 462 -18.12 14.63 16.89
N ASN A 463 -17.26 15.34 17.62
CA ASN A 463 -17.07 16.77 17.40
C ASN A 463 -15.90 17.09 16.48
N LEU A 464 -15.10 16.09 16.13
CA LEU A 464 -13.96 16.30 15.24
C LEU A 464 -14.19 15.61 13.90
N THR A 465 -13.19 14.90 13.40
CA THR A 465 -13.31 14.24 12.10
C THR A 465 -14.26 13.05 12.17
N SER A 466 -14.82 12.70 11.02
CA SER A 466 -15.73 11.57 10.91
C SER A 466 -15.08 10.27 11.38
N TYR A 467 -13.82 10.08 11.00
CA TYR A 467 -13.11 8.87 11.38
C TYR A 467 -12.77 8.86 12.86
N GLY A 468 -12.66 10.04 13.45
CA GLY A 468 -12.38 10.18 14.86
C GLY A 468 -13.45 9.54 15.73
N ARG A 469 -14.65 9.39 15.16
CA ARG A 469 -15.78 8.80 15.89
C ARG A 469 -15.59 7.32 16.16
N THR A 470 -14.69 6.69 15.40
CA THR A 470 -14.54 5.23 15.40
C THR A 470 -14.36 4.65 16.81
N ASN A 471 -13.31 5.08 17.50
CA ASN A 471 -13.09 4.66 18.88
C ASN A 471 -12.18 5.63 19.62
N GLU A 472 -11.89 5.32 20.88
CA GLU A 472 -11.07 6.17 21.72
C GLU A 472 -9.68 6.40 21.15
N ALA A 473 -9.07 5.34 20.64
CA ALA A 473 -7.72 5.40 20.10
C ALA A 473 -7.63 6.34 18.91
N GLU A 474 -8.60 6.24 18.00
CA GLU A 474 -8.59 7.05 16.79
C GLU A 474 -8.97 8.50 17.06
N PHE A 475 -9.91 8.69 17.99
CA PHE A 475 -10.31 10.03 18.39
C PHE A 475 -9.11 10.80 18.96
N PHE A 476 -8.34 10.12 19.80
CA PHE A 476 -7.13 10.69 20.38
C PHE A 476 -6.13 11.07 19.29
N ALA A 477 -5.87 10.14 18.38
CA ALA A 477 -4.87 10.31 17.33
C ALA A 477 -5.28 11.40 16.34
N GLU A 478 -6.58 11.51 16.08
CA GLU A 478 -7.10 12.55 15.21
C GLU A 478 -6.97 13.92 15.89
N ALA A 479 -7.39 13.99 17.14
CA ALA A 479 -7.26 15.22 17.92
C ALA A 479 -5.79 15.64 17.98
N PHE A 480 -4.90 14.67 18.14
CA PHE A 480 -3.47 14.92 18.19
C PHE A 480 -2.95 15.48 16.86
N ARG A 481 -3.35 14.83 15.77
CA ARG A 481 -2.93 15.24 14.43
C ARG A 481 -3.35 16.68 14.13
N LEU A 482 -4.61 16.98 14.42
CA LEU A 482 -5.17 18.29 14.16
C LEU A 482 -4.55 19.38 15.06
N MET A 483 -4.17 19.00 16.27
CA MET A 483 -3.54 19.94 17.21
C MET A 483 -2.14 20.33 16.74
N HIS A 484 -1.57 19.52 15.85
CA HIS A 484 -0.23 19.79 15.34
C HIS A 484 -0.23 20.08 13.85
N SER A 485 -1.40 20.41 13.33
CA SER A 485 -1.52 20.85 11.94
C SER A 485 -0.77 22.16 11.74
N THR A 486 -0.26 22.36 10.52
CA THR A 486 0.43 23.60 10.19
C THR A 486 -0.57 24.75 10.13
N ASP A 487 -1.83 24.41 9.94
CA ASP A 487 -2.92 25.39 9.93
C ASP A 487 -3.25 25.80 11.36
N HIS A 488 -2.94 27.05 11.70
CA HIS A 488 -3.23 27.60 13.02
C HIS A 488 -4.74 27.64 13.27
N ALA A 489 -5.51 27.54 12.20
CA ALA A 489 -6.97 27.51 12.28
C ALA A 489 -7.47 26.18 12.85
N GLU A 490 -6.90 25.09 12.39
CA GLU A 490 -7.34 23.77 12.80
C GLU A 490 -7.06 23.48 14.27
N ARG A 491 -5.98 24.05 14.79
CA ARG A 491 -5.64 23.86 16.20
C ARG A 491 -6.73 24.47 17.09
N LEU A 492 -7.05 25.73 16.84
CA LEU A 492 -8.12 26.43 17.55
C LEU A 492 -9.45 25.70 17.41
N LYS A 493 -9.67 25.14 16.23
CA LYS A 493 -10.90 24.41 15.93
C LYS A 493 -11.07 23.20 16.85
N VAL A 494 -9.96 22.53 17.17
CA VAL A 494 -9.99 21.38 18.06
C VAL A 494 -10.24 21.80 19.49
N GLN A 495 -9.55 22.87 19.92
CA GLN A 495 -9.74 23.42 21.25
C GLN A 495 -11.19 23.82 21.48
N LYS A 496 -11.78 24.49 20.49
CA LYS A 496 -13.14 24.97 20.61
C LYS A 496 -14.16 23.82 20.62
N ASN A 497 -14.02 22.90 19.67
CA ASN A 497 -15.01 21.84 19.48
C ASN A 497 -14.80 20.63 20.39
N ALA A 498 -13.57 20.44 20.84
CA ALA A 498 -13.28 19.33 21.76
C ALA A 498 -12.36 19.78 22.89
N PRO A 499 -12.84 20.71 23.75
CA PRO A 499 -12.01 21.31 24.80
C PRO A 499 -11.48 20.31 25.82
N LYS A 500 -12.28 19.31 26.17
CA LYS A 500 -11.84 18.32 27.15
C LYS A 500 -10.76 17.42 26.57
N THR A 501 -10.91 17.06 25.29
CA THR A 501 -9.92 16.23 24.61
C THR A 501 -8.62 17.00 24.42
N PHE A 502 -8.76 18.27 24.06
CA PHE A 502 -7.63 19.17 23.90
C PHE A 502 -6.82 19.26 25.19
N GLN A 503 -7.52 19.47 26.29
CA GLN A 503 -6.89 19.57 27.61
C GLN A 503 -6.22 18.27 27.99
N PHE A 504 -6.92 17.16 27.77
CA PHE A 504 -6.42 15.83 28.10
C PHE A 504 -5.10 15.53 27.40
N ILE A 505 -5.05 15.81 26.10
CA ILE A 505 -3.85 15.55 25.31
C ILE A 505 -2.67 16.39 25.79
N ASN A 506 -2.93 17.66 26.08
CA ASN A 506 -1.89 18.53 26.63
C ASN A 506 -1.41 18.02 27.99
N ASP A 507 -2.33 17.48 28.77
CA ASP A 507 -1.99 16.91 30.07
C ASP A 507 -1.08 15.70 29.92
N GLN A 508 -1.35 14.87 28.92
CA GLN A 508 -0.51 13.70 28.66
C GLN A 508 0.87 14.13 28.20
N ILE A 509 0.92 15.16 27.35
CA ILE A 509 2.18 15.70 26.87
C ILE A 509 3.03 16.20 28.03
N LYS A 510 2.40 16.93 28.94
CA LYS A 510 3.08 17.44 30.13
C LYS A 510 3.57 16.28 30.98
N PHE A 511 2.73 15.25 31.10
CA PHE A 511 3.08 14.06 31.87
C PHE A 511 4.30 13.36 31.26
N ILE A 512 4.38 13.36 29.93
CA ILE A 512 5.44 12.69 29.21
C ILE A 512 6.79 13.38 29.35
N ILE A 513 6.82 14.69 29.09
CA ILE A 513 8.08 15.43 29.11
C ILE A 513 8.62 15.61 30.54
N ASN A 514 7.77 15.44 31.53
CA ASN A 514 8.20 15.54 32.93
C ASN A 514 8.54 14.17 33.53
N SER A 515 8.37 13.11 32.76
CA SER A 515 8.59 11.75 33.25
C SER A 515 10.07 11.41 33.37
#